data_1W80
#
_entry.id   1W80
#
_cell.length_a   146.599
_cell.length_b   67.322
_cell.length_c   39.721
_cell.angle_alpha   90.00
_cell.angle_beta   94.53
_cell.angle_gamma   90.00
#
_symmetry.space_group_name_H-M   'C 1 2 1'
#
loop_
_entity.id
_entity.type
_entity.pdbx_description
1 polymer 'ADAPTER-RELATED PROTEIN COMPLEX 2 ALPHA 2 SUBUNIT'
2 polymer 'SYNAPTOJANIN 1'
3 polymer 'SYNAPTOJANIN 1'
4 non-polymer BENZAMIDINE
5 non-polymer 'CARBONATE ION'
6 non-polymer 'DITHIANE DIOL'
7 non-polymer 'SULFATE ION'
8 water water
#
loop_
_entity_poly.entity_id
_entity_poly.type
_entity_poly.pdbx_seq_one_letter_code
_entity_poly.pdbx_strand_id
1 'polypeptide(L)'
;GSPGILAPLAPGSEDNFARFVCKNNGVLFENQLLQIGLKSEFRQNLGRMFIFYGNKTSTQFLNFTPTLICADDLQTNLNL
QTKPVDPTVDGGAQVQQVINIECISDFTEAPVLNIQFRYGGTFQNVSVKLPITLNKFFQPTEMASQDFFQRWKQLSNPQQ
EVQNIFKAKHPMDTEITKAKIIGFGSALLEEVDPNPANFVGAGIIHTKTTQIGCLLRLEPNLQAQMYRLTLRTSKDTVSQ
RLCELLSEQF
;
A
2 'polypeptide(L)' NPKGWVTFEEEE P
3 'polypeptide(L)' LDGFKDSFDLQG Q
#
loop_
_chem_comp.id
_chem_comp.type
_chem_comp.name
_chem_comp.formula
BEN non-polymer BENZAMIDINE 'C7 H8 N2'
CO3 non-polymer 'CARBONATE ION' 'C O3 -2'
DTD non-polymer 'DITHIANE DIOL' 'C4 H8 O2 S2'
SO4 non-polymer 'SULFATE ION' 'O4 S -2'
#
# COMPACT_ATOMS: atom_id res chain seq x y z
N PRO A 3 20.45 14.47 5.67
CA PRO A 3 19.51 14.59 6.78
C PRO A 3 20.05 14.24 8.21
N GLY A 4 21.31 13.82 8.35
CA GLY A 4 21.97 13.65 9.70
C GLY A 4 21.29 12.55 10.50
N ILE A 5 21.28 12.65 11.82
CA ILE A 5 20.63 11.56 12.57
C ILE A 5 19.12 11.46 12.12
N LEU A 6 18.58 10.26 11.90
CA LEU A 6 17.16 10.09 11.53
C LEU A 6 16.34 9.50 12.67
N ALA A 7 15.18 10.09 12.98
CA ALA A 7 14.30 9.55 13.96
C ALA A 7 13.95 8.11 13.59
N PRO A 8 13.82 7.21 14.61
CA PRO A 8 13.23 5.90 14.33
C PRO A 8 11.75 6.08 13.97
N LEU A 9 11.16 5.08 13.34
CA LEU A 9 9.80 5.23 12.78
C LEU A 9 8.87 5.62 13.87
N ALA A 10 7.99 6.58 13.61
CA ALA A 10 7.04 6.99 14.64
C ALA A 10 6.19 5.82 15.15
N PRO A 11 5.85 5.79 16.46
CA PRO A 11 4.87 4.74 16.85
C PRO A 11 3.55 4.92 16.06
N GLY A 12 2.81 3.82 15.86
CA GLY A 12 1.74 3.79 14.87
C GLY A 12 2.12 3.83 13.38
N SER A 13 3.41 3.91 13.01
CA SER A 13 3.80 4.01 11.60
C SER A 13 3.24 2.75 10.85
N GLU A 14 3.34 1.57 11.45
CA GLU A 14 3.04 0.38 10.70
C GLU A 14 1.56 0.15 10.61
N ASP A 15 0.84 0.38 11.70
CA ASP A 15 -0.60 0.32 11.66
C ASP A 15 -1.17 1.31 10.63
N ASN A 16 -0.64 2.52 10.68
CA ASN A 16 -1.00 3.56 9.69
C ASN A 16 -0.67 3.23 8.23
N PHE A 17 0.49 2.65 8.00
CA PHE A 17 0.92 2.33 6.67
C PHE A 17 -0.12 1.39 6.11
N ALA A 18 -0.51 0.40 6.93
CA ALA A 18 -1.55 -0.58 6.51
C ALA A 18 -2.90 -0.04 6.12
N ARG A 19 -3.36 1.08 6.65
CA ARG A 19 -4.62 1.79 6.15
C ARG A 19 -4.54 2.46 4.77
N PHE A 20 -3.34 2.56 4.24
CA PHE A 20 -3.11 3.14 2.95
C PHE A 20 -2.83 2.19 1.81
N VAL A 21 -3.04 0.89 2.03
CA VAL A 21 -2.78 -0.12 1.04
C VAL A 21 -3.98 -0.25 0.10
N CYS A 22 -5.19 -0.19 0.64
CA CYS A 22 -6.38 -0.35 -0.26
C CYS A 22 -7.14 0.96 -0.47
N LYS A 23 -6.53 2.05 0.00
CA LYS A 23 -7.05 3.37 -0.12
C LYS A 23 -5.91 4.34 -0.39
N ASN A 24 -6.24 5.50 -0.96
CA ASN A 24 -5.27 6.48 -1.36
C ASN A 24 -5.26 7.76 -0.57
N ASN A 25 -6.22 7.99 0.29
CA ASN A 25 -6.50 9.27 0.90
C ASN A 25 -6.43 9.03 2.44
N GLY A 26 -5.70 9.87 3.16
CA GLY A 26 -5.79 9.84 4.63
C GLY A 26 -4.75 10.66 5.33
N VAL A 27 -4.90 10.77 6.65
CA VAL A 27 -3.80 11.28 7.47
C VAL A 27 -2.76 10.20 7.70
N LEU A 28 -1.51 10.43 7.32
CA LEU A 28 -0.44 9.51 7.52
C LEU A 28 0.20 9.66 8.93
N PHE A 29 0.35 10.89 9.40
CA PHE A 29 1.00 11.20 10.65
C PHE A 29 0.36 12.45 11.26
N GLU A 30 0.10 12.43 12.58
CA GLU A 30 -0.26 13.63 13.22
C GLU A 30 0.20 13.62 14.72
N ASN A 31 0.81 14.72 15.13
CA ASN A 31 1.06 14.94 16.55
C ASN A 31 0.66 16.35 16.94
N GLN A 32 1.20 16.88 18.05
CA GLN A 32 0.72 18.19 18.50
C GLN A 32 1.22 19.30 17.63
N LEU A 33 2.29 19.09 16.84
CA LEU A 33 2.85 20.18 16.02
C LEU A 33 2.50 20.10 14.55
N LEU A 34 2.43 18.87 14.03
CA LEU A 34 2.37 18.60 12.59
C LEU A 34 1.32 17.54 12.21
N GLN A 35 0.60 17.79 11.09
CA GLN A 35 -0.27 16.81 10.48
C GLN A 35 0.29 16.54 9.04
N ILE A 36 0.47 15.27 8.65
CA ILE A 36 0.92 14.90 7.33
C ILE A 36 -0.22 14.11 6.73
N GLY A 37 -0.80 14.69 5.67
CA GLY A 37 -1.90 14.08 4.89
C GLY A 37 -1.42 13.67 3.51
N LEU A 38 -2.06 12.64 2.93
CA LEU A 38 -1.78 12.18 1.56
C LEU A 38 -3.07 12.08 0.67
N LYS A 39 -2.93 12.35 -0.61
CA LYS A 39 -3.93 12.01 -1.59
C LYS A 39 -3.16 11.58 -2.82
N SER A 40 -3.47 10.43 -3.33
CA SER A 40 -2.74 9.78 -4.49
C SER A 40 -3.66 9.26 -5.55
N GLU A 41 -3.11 9.04 -6.75
CA GLU A 41 -3.80 8.35 -7.78
C GLU A 41 -2.71 7.66 -8.62
N PHE A 42 -3.09 6.46 -9.11
CA PHE A 42 -2.26 5.63 -9.98
C PHE A 42 -2.98 5.23 -11.26
N ARG A 43 -2.20 4.98 -12.29
CA ARG A 43 -2.64 4.56 -13.59
C ARG A 43 -1.47 3.82 -14.22
N GLN A 44 -1.69 2.56 -14.62
CA GLN A 44 -0.63 1.69 -15.17
C GLN A 44 0.53 1.69 -14.23
N ASN A 45 1.76 1.87 -14.71
CA ASN A 45 2.93 1.89 -13.80
C ASN A 45 3.33 3.24 -13.20
N LEU A 46 2.42 4.22 -13.21
CA LEU A 46 2.69 5.51 -12.71
C LEU A 46 1.77 5.90 -11.58
N GLY A 47 2.23 6.86 -10.81
CA GLY A 47 1.44 7.54 -9.76
C GLY A 47 1.78 9.01 -9.53
N ARG A 48 0.85 9.70 -8.83
CA ARG A 48 1.05 11.03 -8.38
C ARG A 48 0.48 11.08 -6.99
N MET A 49 1.36 11.42 -6.09
CA MET A 49 1.01 11.63 -4.69
C MET A 49 1.20 13.12 -4.25
N PHE A 50 0.21 13.63 -3.53
CA PHE A 50 0.21 14.91 -2.90
C PHE A 50 0.49 14.64 -1.44
N ILE A 51 1.52 15.27 -0.90
CA ILE A 51 1.77 15.22 0.53
C ILE A 51 1.60 16.61 1.06
N PHE A 52 0.71 16.77 2.03
CA PHE A 52 0.38 18.00 2.63
C PHE A 52 0.96 18.04 4.07
N TYR A 53 1.58 19.15 4.43
CA TYR A 53 2.22 19.31 5.75
C TYR A 53 1.52 20.47 6.44
N GLY A 54 0.85 20.20 7.53
CA GLY A 54 0.14 21.24 8.24
C GLY A 54 0.77 21.58 9.62
N ASN A 55 1.04 22.88 9.80
CA ASN A 55 1.64 23.45 11.04
C ASN A 55 0.50 23.67 12.01
N LYS A 56 0.34 22.83 13.02
CA LYS A 56 -0.82 23.00 13.91
C LYS A 56 -0.62 24.07 15.02
N THR A 57 0.49 24.82 14.98
CA THR A 57 0.90 25.74 16.06
C THR A 57 0.88 27.15 15.58
N SER A 58 1.05 28.10 16.53
CA SER A 58 1.14 29.52 16.24
C SER A 58 2.53 29.99 15.89
N THR A 59 3.48 29.05 15.80
CA THR A 59 4.88 29.34 15.61
C THR A 59 5.35 28.76 14.30
N GLN A 60 6.20 29.49 13.60
CA GLN A 60 6.75 29.08 12.32
C GLN A 60 7.69 27.90 12.47
N PHE A 61 7.79 27.06 11.43
CA PHE A 61 8.75 25.98 11.35
C PHE A 61 9.81 26.50 10.43
N LEU A 62 11.07 26.40 10.83
CA LEU A 62 12.18 26.81 9.96
C LEU A 62 13.06 25.65 9.59
N ASN A 63 13.70 25.77 8.44
CA ASN A 63 14.56 24.74 7.93
C ASN A 63 13.73 23.48 7.74
N PHE A 64 12.46 23.65 7.37
CA PHE A 64 11.50 22.53 7.18
C PHE A 64 11.93 21.67 6.04
N THR A 65 12.37 20.42 6.34
CA THR A 65 13.08 19.62 5.38
C THR A 65 12.54 18.20 5.30
N PRO A 66 11.53 17.97 4.45
CA PRO A 66 11.12 16.59 4.10
C PRO A 66 12.07 15.95 3.11
N THR A 67 12.54 14.74 3.39
CA THR A 67 13.41 13.94 2.53
C THR A 67 12.71 12.58 2.37
N LEU A 68 12.73 12.03 1.16
CA LEU A 68 12.32 10.70 0.92
C LEU A 68 13.52 9.78 0.83
N ILE A 69 13.53 8.75 1.62
CA ILE A 69 14.70 7.87 1.73
C ILE A 69 14.36 6.44 1.31
N CYS A 70 15.03 5.97 0.25
CA CYS A 70 14.85 4.66 -0.30
C CYS A 70 16.14 3.83 -0.26
N ALA A 71 15.96 2.55 0.08
CA ALA A 71 16.96 1.51 -0.06
C ALA A 71 17.53 1.44 -1.44
N ASP A 72 18.71 0.88 -1.49
CA ASP A 72 19.49 0.95 -2.68
C ASP A 72 18.77 0.15 -3.76
N ASP A 73 18.19 -0.97 -3.39
CA ASP A 73 17.45 -1.77 -4.40
C ASP A 73 16.12 -1.12 -4.80
N LEU A 74 15.41 -0.60 -3.78
CA LEU A 74 14.17 0.16 -4.04
C LEU A 74 14.37 1.22 -5.08
N GLN A 75 15.44 2.01 -4.94
CA GLN A 75 15.75 3.06 -5.91
C GLN A 75 15.87 2.58 -7.35
N THR A 76 16.40 1.40 -7.55
CA THR A 76 16.39 0.82 -8.90
C THR A 76 14.99 0.38 -9.38
N ASN A 77 14.08 0.07 -8.45
CA ASN A 77 12.74 -0.50 -8.85
C ASN A 77 11.60 0.57 -8.93
N LEU A 78 11.86 1.66 -8.24
CA LEU A 78 10.87 2.76 -8.13
C LEU A 78 11.56 4.17 -8.24
N ASN A 79 11.12 4.95 -9.21
N ASN A 79 11.20 4.93 -9.24
CA ASN A 79 11.56 6.36 -9.47
CA ASN A 79 11.62 6.34 -9.29
C ASN A 79 10.59 7.41 -8.88
C ASN A 79 10.55 7.25 -8.70
N LEU A 80 11.04 8.09 -7.82
CA LEU A 80 10.27 9.13 -7.16
C LEU A 80 10.82 10.49 -7.57
N GLN A 81 9.96 11.37 -8.06
CA GLN A 81 10.39 12.69 -8.48
C GLN A 81 9.58 13.77 -7.76
N THR A 82 10.27 14.74 -7.19
CA THR A 82 9.58 15.80 -6.52
C THR A 82 10.48 17.06 -6.57
N LYS A 83 9.97 18.10 -5.94
CA LYS A 83 10.64 19.38 -5.77
C LYS A 83 10.36 19.71 -4.34
N PRO A 84 11.39 20.06 -3.61
CA PRO A 84 11.18 20.21 -2.15
C PRO A 84 10.38 21.45 -1.79
N VAL A 85 9.70 21.40 -0.64
CA VAL A 85 9.03 22.59 -0.15
C VAL A 85 9.98 23.72 0.30
N ASP A 86 9.42 24.91 0.28
CA ASP A 86 10.03 26.04 0.92
C ASP A 86 10.31 25.70 2.41
N PRO A 87 11.50 26.08 2.95
CA PRO A 87 11.94 25.68 4.28
C PRO A 87 11.26 26.36 5.45
N THR A 88 10.44 27.37 5.21
CA THR A 88 9.73 28.07 6.29
C THR A 88 8.25 27.77 6.15
N VAL A 89 7.62 27.33 7.23
CA VAL A 89 6.18 27.06 7.20
C VAL A 89 5.57 27.84 8.29
N ASP A 90 4.69 28.78 7.93
CA ASP A 90 4.08 29.66 8.93
C ASP A 90 3.14 28.95 9.90
N GLY A 91 2.97 29.51 11.10
CA GLY A 91 2.02 28.97 12.04
C GLY A 91 0.65 29.02 11.35
N GLY A 92 -0.15 28.00 11.62
CA GLY A 92 -1.42 27.74 10.95
C GLY A 92 -1.41 27.37 9.47
N ALA A 93 -0.26 27.28 8.82
CA ALA A 93 -0.23 27.01 7.40
C ALA A 93 -0.15 25.51 7.03
N GLN A 94 -0.63 25.19 5.81
CA GLN A 94 -0.49 23.91 5.27
C GLN A 94 0.22 24.10 3.95
N VAL A 95 1.34 23.42 3.82
CA VAL A 95 2.04 23.41 2.59
C VAL A 95 2.01 22.02 1.93
N GLN A 96 2.45 21.98 0.68
CA GLN A 96 2.47 20.69 -0.01
C GLN A 96 3.55 20.44 -1.05
N GLN A 97 3.71 19.20 -1.41
CA GLN A 97 4.52 18.78 -2.51
C GLN A 97 3.85 17.65 -3.25
N VAL A 98 4.22 17.55 -4.51
CA VAL A 98 3.72 16.60 -5.41
C VAL A 98 4.86 15.64 -5.70
N ILE A 99 4.65 14.34 -5.53
CA ILE A 99 5.62 13.31 -5.88
C ILE A 99 5.09 12.55 -7.02
N ASN A 100 5.88 12.57 -8.10
CA ASN A 100 5.58 11.84 -9.30
C ASN A 100 6.35 10.51 -9.25
N ILE A 101 5.62 9.41 -9.44
CA ILE A 101 6.08 8.04 -9.13
C ILE A 101 6.08 7.19 -10.41
N GLU A 102 7.15 6.47 -10.59
CA GLU A 102 7.21 5.56 -11.74
C GLU A 102 7.70 4.22 -11.29
N CYS A 103 6.89 3.19 -11.49
CA CYS A 103 7.29 1.85 -11.11
C CYS A 103 8.10 1.21 -12.29
N ILE A 104 9.35 0.81 -11.99
CA ILE A 104 10.26 0.36 -13.06
C ILE A 104 10.20 -1.15 -13.13
N SER A 105 10.15 -1.75 -11.95
N SER A 105 10.20 -1.75 -11.94
CA SER A 105 9.94 -3.18 -11.79
CA SER A 105 10.06 -3.19 -11.72
C SER A 105 9.45 -3.46 -10.34
C SER A 105 9.37 -3.44 -10.35
N ASP A 106 9.07 -4.70 -10.07
CA ASP A 106 8.45 -5.12 -8.79
C ASP A 106 9.37 -4.80 -7.64
N PHE A 107 8.78 -4.40 -6.51
CA PHE A 107 9.51 -3.92 -5.39
C PHE A 107 8.76 -4.30 -4.09
N THR A 108 9.53 -4.43 -3.03
CA THR A 108 9.01 -4.92 -1.77
C THR A 108 9.20 -3.95 -0.60
N GLU A 109 10.24 -3.13 -0.65
CA GLU A 109 10.49 -2.13 0.39
C GLU A 109 9.63 -0.91 0.18
N ALA A 110 9.42 -0.19 1.26
CA ALA A 110 8.70 1.11 1.20
C ALA A 110 9.67 2.27 1.39
N PRO A 111 9.44 3.38 0.69
CA PRO A 111 10.20 4.60 1.00
C PRO A 111 9.95 5.11 2.43
N VAL A 112 10.93 5.80 3.02
CA VAL A 112 10.74 6.46 4.28
C VAL A 112 10.63 7.98 4.06
N LEU A 113 9.64 8.62 4.64
CA LEU A 113 9.56 10.08 4.66
C LEU A 113 10.10 10.61 5.99
N ASN A 114 11.20 11.35 5.90
CA ASN A 114 11.83 11.95 7.06
C ASN A 114 11.63 13.44 6.97
N ILE A 115 11.13 14.00 8.05
CA ILE A 115 10.89 15.39 8.21
C ILE A 115 11.67 15.96 9.42
N GLN A 116 12.42 17.02 9.12
CA GLN A 116 13.21 17.75 10.13
C GLN A 116 12.95 19.23 10.03
N PHE A 117 12.88 19.90 11.17
CA PHE A 117 12.67 21.32 11.22
C PHE A 117 13.00 21.85 12.61
N ARG A 118 13.17 23.16 12.73
CA ARG A 118 13.27 23.84 14.02
C ARG A 118 11.94 24.41 14.38
N TYR A 119 11.60 24.25 15.65
CA TYR A 119 10.40 24.81 16.20
C TYR A 119 10.78 25.55 17.50
N GLY A 120 10.77 26.86 17.47
CA GLY A 120 11.33 27.69 18.55
C GLY A 120 12.78 27.31 18.75
N GLY A 121 13.08 26.93 20.00
CA GLY A 121 14.40 26.44 20.36
C GLY A 121 14.61 24.94 20.19
N THR A 122 13.59 24.21 19.70
CA THR A 122 13.70 22.77 19.53
C THR A 122 14.09 22.35 18.13
N PHE A 123 14.51 21.10 18.04
CA PHE A 123 14.88 20.45 16.80
C PHE A 123 13.94 19.22 16.75
N GLN A 124 13.21 19.10 15.65
CA GLN A 124 12.16 18.06 15.43
C GLN A 124 12.66 17.12 14.35
N ASN A 125 12.35 15.83 14.53
CA ASN A 125 12.77 14.80 13.63
C ASN A 125 11.71 13.71 13.64
N VAL A 126 11.02 13.49 12.50
CA VAL A 126 9.92 12.52 12.36
C VAL A 126 10.28 11.60 11.21
N SER A 127 10.08 10.28 11.34
CA SER A 127 10.26 9.32 10.27
C SER A 127 9.02 8.41 10.12
N VAL A 128 8.47 8.30 8.91
CA VAL A 128 7.35 7.43 8.72
C VAL A 128 7.47 6.75 7.40
N LYS A 129 6.95 5.54 7.31
CA LYS A 129 6.87 4.79 6.08
C LYS A 129 5.84 5.40 5.13
N LEU A 130 6.26 5.62 3.88
CA LEU A 130 5.42 6.12 2.88
C LEU A 130 4.67 5.01 2.15
N PRO A 131 3.33 5.12 2.08
CA PRO A 131 2.62 4.00 1.50
C PRO A 131 2.59 3.97 -0.03
N ILE A 132 3.69 3.67 -0.61
CA ILE A 132 3.74 3.43 -2.07
C ILE A 132 4.09 1.96 -2.11
N THR A 133 3.17 1.17 -2.67
CA THR A 133 3.20 -0.26 -2.48
C THR A 133 2.98 -0.89 -3.80
N LEU A 134 3.44 -2.11 -3.96
CA LEU A 134 3.35 -2.80 -5.26
C LEU A 134 1.92 -2.89 -5.79
N ASN A 135 0.93 -3.05 -4.87
CA ASN A 135 -0.47 -3.17 -5.39
C ASN A 135 -1.06 -1.90 -6.00
N LYS A 136 -0.42 -0.77 -5.75
CA LYS A 136 -0.81 0.50 -6.31
C LYS A 136 -0.65 0.42 -7.84
N PHE A 137 0.10 -0.57 -8.31
CA PHE A 137 0.27 -0.80 -9.76
C PHE A 137 -0.48 -2.07 -10.27
N PHE A 138 -1.39 -2.55 -9.43
CA PHE A 138 -2.16 -3.70 -9.62
C PHE A 138 -3.48 -3.31 -10.18
N GLN A 139 -3.81 -3.78 -11.38
CA GLN A 139 -5.13 -3.51 -12.05
C GLN A 139 -6.01 -4.70 -12.38
N PRO A 140 -7.35 -4.55 -12.26
CA PRO A 140 -8.18 -5.75 -12.30
C PRO A 140 -8.21 -6.52 -13.64
N THR A 141 -8.29 -7.84 -13.57
CA THR A 141 -8.53 -8.68 -14.72
C THR A 141 -9.79 -9.53 -14.54
N GLU A 142 -10.83 -9.18 -15.29
CA GLU A 142 -12.06 -9.96 -15.38
C GLU A 142 -11.84 -11.22 -16.18
N MET A 143 -12.32 -12.37 -15.73
CA MET A 143 -12.19 -13.63 -16.50
C MET A 143 -13.18 -14.63 -15.95
N ALA A 144 -13.62 -15.52 -16.83
CA ALA A 144 -14.61 -16.54 -16.52
C ALA A 144 -13.85 -17.53 -15.72
N SER A 145 -14.60 -18.43 -15.10
CA SER A 145 -14.12 -19.52 -14.25
C SER A 145 -13.18 -20.50 -14.93
N GLN A 146 -13.48 -20.83 -16.18
CA GLN A 146 -12.66 -21.82 -16.89
C GLN A 146 -11.26 -21.31 -17.13
N ASP A 147 -11.24 -20.04 -17.52
CA ASP A 147 -9.99 -19.24 -17.75
C ASP A 147 -9.20 -19.06 -16.48
N PHE A 148 -9.92 -18.75 -15.39
CA PHE A 148 -9.22 -18.70 -14.11
C PHE A 148 -8.48 -19.99 -13.75
N PHE A 149 -9.17 -21.13 -13.83
CA PHE A 149 -8.57 -22.34 -13.41
C PHE A 149 -7.46 -22.82 -14.32
N GLN A 150 -7.52 -22.46 -15.57
CA GLN A 150 -6.42 -22.73 -16.49
C GLN A 150 -5.18 -21.98 -16.04
N ARG A 151 -5.35 -20.70 -15.74
CA ARG A 151 -4.25 -19.88 -15.29
C ARG A 151 -3.77 -20.37 -13.92
N TRP A 152 -4.71 -20.72 -13.04
CA TRP A 152 -4.29 -21.16 -11.70
C TRP A 152 -3.36 -22.38 -11.80
N LYS A 153 -3.78 -23.35 -12.60
CA LYS A 153 -3.02 -24.62 -12.82
C LYS A 153 -1.68 -24.45 -13.53
N GLN A 154 -1.53 -23.43 -14.37
CA GLN A 154 -0.20 -22.99 -14.96
C GLN A 154 0.77 -22.47 -13.92
N LEU A 155 0.28 -22.08 -12.74
CA LEU A 155 1.13 -21.52 -11.68
C LEU A 155 1.26 -22.55 -10.48
N SER A 156 1.64 -23.74 -10.87
CA SER A 156 1.67 -24.90 -10.01
C SER A 156 3.08 -25.16 -9.41
N ASN A 157 4.08 -24.37 -9.76
CA ASN A 157 5.38 -24.47 -9.08
C ASN A 157 5.24 -24.04 -7.60
N PRO A 158 6.01 -24.70 -6.70
CA PRO A 158 5.88 -24.44 -5.27
C PRO A 158 6.16 -23.02 -4.86
N GLN A 159 7.19 -22.42 -5.47
N GLN A 159 7.18 -22.42 -5.48
CA GLN A 159 7.59 -21.07 -5.10
CA GLN A 159 7.60 -21.05 -5.17
C GLN A 159 6.69 -19.97 -5.71
C GLN A 159 6.64 -19.97 -5.67
N GLN A 160 5.77 -20.35 -6.60
CA GLN A 160 4.81 -19.39 -7.16
C GLN A 160 3.68 -19.13 -6.20
N GLU A 161 3.40 -20.09 -5.34
CA GLU A 161 2.27 -19.98 -4.37
C GLU A 161 2.75 -19.50 -3.00
N VAL A 162 2.05 -18.50 -2.41
CA VAL A 162 2.34 -18.10 -1.04
C VAL A 162 0.99 -18.13 -0.32
N GLN A 163 0.98 -18.65 0.92
CA GLN A 163 -0.23 -18.60 1.72
C GLN A 163 -0.01 -18.02 3.09
N ASN A 164 -1.12 -17.61 3.73
CA ASN A 164 -1.04 -17.07 5.06
C ASN A 164 -2.34 -17.38 5.70
N ILE A 165 -2.28 -17.67 7.04
CA ILE A 165 -3.44 -17.94 7.80
C ILE A 165 -3.42 -16.93 8.92
N PHE A 166 -4.54 -16.27 9.19
CA PHE A 166 -4.46 -15.16 10.12
C PHE A 166 -5.77 -14.88 10.79
N LYS A 167 -5.67 -14.19 11.91
CA LYS A 167 -6.85 -13.80 12.64
C LYS A 167 -7.51 -12.55 12.02
N ALA A 168 -8.83 -12.54 11.87
CA ALA A 168 -9.47 -11.33 11.32
C ALA A 168 -9.26 -10.19 12.29
N LYS A 169 -8.82 -9.03 11.80
CA LYS A 169 -8.73 -7.81 12.59
C LYS A 169 -10.08 -7.12 12.64
N HIS A 170 -10.87 -7.35 11.60
CA HIS A 170 -12.19 -6.73 11.47
C HIS A 170 -13.24 -7.78 11.37
N PRO A 171 -14.50 -7.36 11.60
CA PRO A 171 -15.62 -8.23 11.39
C PRO A 171 -15.57 -8.79 9.97
N MET A 172 -15.99 -10.01 9.77
CA MET A 172 -15.89 -10.70 8.51
C MET A 172 -17.17 -10.39 7.80
N ASP A 173 -17.16 -9.17 7.33
CA ASP A 173 -18.31 -8.46 6.67
C ASP A 173 -18.13 -8.62 5.13
N THR A 174 -18.91 -9.51 4.57
CA THR A 174 -18.88 -9.87 3.13
C THR A 174 -18.72 -8.68 2.23
N GLU A 175 -19.53 -7.64 2.44
CA GLU A 175 -19.53 -6.52 1.52
C GLU A 175 -18.27 -5.66 1.64
N ILE A 176 -17.84 -5.45 2.86
CA ILE A 176 -16.61 -4.70 3.11
C ILE A 176 -15.41 -5.51 2.56
N THR A 177 -15.45 -6.82 2.69
CA THR A 177 -14.32 -7.69 2.25
C THR A 177 -14.26 -7.53 0.73
N LYS A 178 -15.39 -7.60 0.05
CA LYS A 178 -15.35 -7.42 -1.40
C LYS A 178 -14.79 -6.09 -1.79
N ALA A 179 -15.19 -5.02 -1.13
CA ALA A 179 -14.64 -3.73 -1.38
C ALA A 179 -13.15 -3.54 -1.17
N LYS A 180 -12.59 -4.19 -0.18
CA LYS A 180 -11.13 -4.10 0.06
C LYS A 180 -10.32 -4.86 -1.02
N ILE A 181 -10.82 -6.04 -1.42
CA ILE A 181 -10.22 -6.79 -2.51
C ILE A 181 -10.19 -5.95 -3.80
N ILE A 182 -11.32 -5.31 -4.12
CA ILE A 182 -11.33 -4.34 -5.21
C ILE A 182 -10.38 -3.17 -5.04
N GLY A 183 -10.39 -2.62 -3.82
CA GLY A 183 -9.54 -1.48 -3.46
C GLY A 183 -8.09 -1.86 -3.62
N PHE A 184 -7.80 -3.12 -3.45
CA PHE A 184 -6.38 -3.60 -3.44
C PHE A 184 -5.92 -3.57 -4.89
N GLY A 185 -6.89 -3.59 -5.82
CA GLY A 185 -6.55 -3.58 -7.28
C GLY A 185 -6.96 -4.76 -8.06
N SER A 186 -7.47 -5.75 -7.37
CA SER A 186 -7.92 -6.98 -7.95
C SER A 186 -9.32 -6.88 -8.50
N ALA A 187 -9.64 -7.67 -9.54
CA ALA A 187 -11.06 -7.96 -9.88
C ALA A 187 -11.55 -8.98 -8.91
N LEU A 188 -12.83 -8.91 -8.64
CA LEU A 188 -13.54 -9.84 -7.80
C LEU A 188 -14.32 -10.74 -8.75
N LEU A 189 -14.01 -12.03 -8.75
CA LEU A 189 -14.56 -12.91 -9.72
C LEU A 189 -15.61 -13.74 -9.02
N GLU A 190 -16.83 -13.71 -9.49
CA GLU A 190 -17.92 -14.45 -8.86
C GLU A 190 -18.17 -15.82 -9.47
N GLU A 191 -18.57 -16.78 -8.64
CA GLU A 191 -18.79 -18.16 -9.07
C GLU A 191 -17.57 -18.83 -9.63
N VAL A 192 -16.41 -18.55 -9.05
CA VAL A 192 -15.25 -19.32 -9.43
C VAL A 192 -15.02 -20.43 -8.39
N ASP A 193 -14.89 -20.07 -7.13
CA ASP A 193 -14.84 -21.03 -6.04
C ASP A 193 -16.27 -21.48 -5.88
N PRO A 194 -16.52 -22.81 -5.85
CA PRO A 194 -17.92 -23.18 -5.70
C PRO A 194 -18.49 -22.87 -4.31
N ASN A 195 -17.66 -22.60 -3.33
CA ASN A 195 -18.08 -22.22 -1.99
C ASN A 195 -18.33 -20.76 -2.10
N PRO A 196 -19.57 -20.37 -1.92
CA PRO A 196 -19.90 -18.95 -2.02
C PRO A 196 -19.41 -18.05 -0.87
N ALA A 197 -18.92 -18.65 0.20
CA ALA A 197 -18.25 -17.87 1.24
C ALA A 197 -16.83 -17.41 0.88
N ASN A 198 -16.28 -17.99 -0.19
CA ASN A 198 -14.89 -17.73 -0.57
C ASN A 198 -14.80 -16.60 -1.59
N PHE A 199 -13.66 -15.88 -1.62
CA PHE A 199 -13.41 -14.82 -2.58
C PHE A 199 -12.21 -15.18 -3.48
N VAL A 200 -12.37 -14.88 -4.75
CA VAL A 200 -11.38 -15.11 -5.81
C VAL A 200 -11.14 -13.83 -6.62
N GLY A 201 -9.89 -13.49 -6.91
CA GLY A 201 -9.45 -12.34 -7.54
C GLY A 201 -8.39 -12.61 -8.59
N ALA A 202 -8.29 -11.69 -9.58
CA ALA A 202 -7.25 -11.71 -10.64
C ALA A 202 -6.87 -10.30 -10.95
N GLY A 203 -5.61 -10.11 -11.17
CA GLY A 203 -5.14 -8.81 -11.63
C GLY A 203 -3.72 -8.94 -12.28
N ILE A 204 -3.21 -7.82 -12.72
CA ILE A 204 -1.93 -7.67 -13.30
C ILE A 204 -1.23 -6.50 -12.76
N ILE A 205 0.03 -6.76 -12.37
CA ILE A 205 0.89 -5.75 -11.85
C ILE A 205 1.53 -5.09 -13.10
N HIS A 206 1.52 -3.76 -13.21
CA HIS A 206 2.06 -2.99 -14.37
C HIS A 206 3.27 -2.27 -13.97
N THR A 207 4.46 -2.71 -14.47
CA THR A 207 5.70 -2.08 -14.15
C THR A 207 6.32 -1.70 -15.52
N LYS A 208 7.29 -0.80 -15.56
CA LYS A 208 7.87 -0.26 -16.82
C LYS A 208 8.41 -1.42 -17.68
N THR A 209 9.07 -2.38 -17.03
CA THR A 209 9.82 -3.49 -17.67
C THR A 209 9.09 -4.83 -17.82
N THR A 210 8.03 -5.12 -17.03
CA THR A 210 7.38 -6.39 -17.03
C THR A 210 6.01 -6.32 -16.39
N GLN A 211 5.08 -7.21 -16.75
CA GLN A 211 3.76 -7.20 -16.10
C GLN A 211 3.63 -8.57 -15.49
N ILE A 212 3.03 -8.74 -14.32
CA ILE A 212 2.90 -9.99 -13.71
C ILE A 212 1.48 -10.23 -13.38
N GLY A 213 0.99 -11.37 -13.87
CA GLY A 213 -0.38 -11.87 -13.66
C GLY A 213 -0.51 -12.48 -12.28
N CYS A 214 -1.52 -12.05 -11.56
CA CYS A 214 -1.74 -12.50 -10.18
C CYS A 214 -3.14 -13.03 -9.94
N LEU A 215 -3.23 -14.15 -9.17
CA LEU A 215 -4.47 -14.79 -8.81
C LEU A 215 -4.48 -14.87 -7.33
N LEU A 216 -5.65 -14.69 -6.76
CA LEU A 216 -5.80 -14.77 -5.34
C LEU A 216 -7.06 -15.53 -4.89
N ARG A 217 -7.01 -16.08 -3.68
CA ARG A 217 -8.17 -16.75 -3.09
C ARG A 217 -8.18 -16.48 -1.65
N LEU A 218 -9.26 -15.92 -1.19
CA LEU A 218 -9.45 -15.72 0.29
C LEU A 218 -10.58 -16.56 0.84
N GLU A 219 -10.32 -17.26 1.97
CA GLU A 219 -11.22 -18.23 2.52
C GLU A 219 -11.52 -17.93 3.95
N PRO A 220 -12.70 -17.39 4.21
CA PRO A 220 -13.00 -17.09 5.63
C PRO A 220 -13.57 -18.28 6.38
N ASN A 221 -13.26 -18.37 7.70
CA ASN A 221 -13.91 -19.25 8.59
C ASN A 221 -14.54 -18.34 9.65
N LEU A 222 -15.79 -18.06 9.49
CA LEU A 222 -16.44 -17.12 10.37
C LEU A 222 -16.63 -17.67 11.76
N GLN A 223 -16.80 -18.97 11.91
CA GLN A 223 -16.85 -19.57 13.25
C GLN A 223 -15.50 -19.41 13.99
N ALA A 224 -14.41 -19.67 13.33
CA ALA A 224 -13.07 -19.51 13.93
C ALA A 224 -12.47 -18.10 13.92
N GLN A 225 -13.08 -17.17 13.19
CA GLN A 225 -12.65 -15.79 13.08
C GLN A 225 -11.22 -15.69 12.38
N MET A 226 -11.02 -16.56 11.43
CA MET A 226 -9.72 -16.68 10.75
C MET A 226 -9.93 -16.74 9.24
N TYR A 227 -8.86 -16.41 8.49
CA TYR A 227 -8.82 -16.39 7.04
C TYR A 227 -7.65 -17.26 6.60
N ARG A 228 -7.77 -17.86 5.45
CA ARG A 228 -6.57 -18.35 4.68
C ARG A 228 -6.55 -17.56 3.33
N LEU A 229 -5.42 -16.92 3.01
CA LEU A 229 -5.20 -16.22 1.75
C LEU A 229 -4.14 -17.00 0.97
N THR A 230 -4.39 -17.20 -0.32
CA THR A 230 -3.43 -17.89 -1.20
C THR A 230 -3.22 -16.95 -2.37
N LEU A 231 -1.94 -16.66 -2.68
CA LEU A 231 -1.61 -15.97 -3.89
C LEU A 231 -0.84 -16.90 -4.78
N ARG A 232 -1.14 -16.84 -6.07
CA ARG A 232 -0.22 -17.41 -7.11
C ARG A 232 0.09 -16.36 -8.12
N THR A 233 1.41 -16.19 -8.43
CA THR A 233 1.93 -15.28 -9.48
C THR A 233 3.15 -15.96 -10.10
N SER A 234 3.58 -15.47 -11.26
CA SER A 234 4.78 -16.02 -11.86
C SER A 234 6.03 -15.60 -11.13
N LYS A 235 6.00 -14.70 -10.13
CA LYS A 235 7.24 -14.35 -9.43
C LYS A 235 7.13 -14.54 -7.93
N ASP A 236 8.03 -15.33 -7.36
CA ASP A 236 8.02 -15.56 -5.86
C ASP A 236 7.97 -14.29 -5.01
N THR A 237 8.75 -13.28 -5.37
CA THR A 237 8.75 -11.99 -4.65
C THR A 237 7.41 -11.20 -4.68
N VAL A 238 6.77 -11.22 -5.82
CA VAL A 238 5.44 -10.67 -6.05
C VAL A 238 4.36 -11.44 -5.27
N SER A 239 4.43 -12.80 -5.23
CA SER A 239 3.42 -13.56 -4.42
C SER A 239 3.61 -13.21 -3.00
N GLN A 240 4.88 -13.27 -2.53
N GLN A 240 4.85 -13.21 -2.52
CA GLN A 240 5.27 -12.87 -1.16
CA GLN A 240 5.13 -12.87 -1.13
C GLN A 240 4.69 -11.51 -0.76
C GLN A 240 4.76 -11.45 -0.68
N ARG A 241 5.06 -10.46 -1.52
CA ARG A 241 4.65 -9.06 -1.23
C ARG A 241 3.19 -8.79 -1.24
N LEU A 242 2.51 -9.33 -2.24
CA LEU A 242 1.06 -9.14 -2.29
C LEU A 242 0.37 -9.88 -1.17
N CYS A 243 0.76 -11.14 -0.91
CA CYS A 243 0.24 -11.81 0.26
C CYS A 243 0.48 -11.09 1.55
N GLU A 244 1.68 -10.68 1.86
CA GLU A 244 1.89 -9.93 3.13
C GLU A 244 1.05 -8.66 3.28
N LEU A 245 0.98 -7.88 2.22
CA LEU A 245 0.13 -6.71 2.15
C LEU A 245 -1.34 -7.01 2.38
N LEU A 246 -1.86 -7.89 1.57
CA LEU A 246 -3.28 -8.22 1.58
C LEU A 246 -3.77 -8.90 2.88
N SER A 247 -2.85 -9.58 3.52
CA SER A 247 -3.08 -10.28 4.81
C SER A 247 -3.40 -9.35 5.96
N GLU A 248 -2.99 -8.09 5.88
CA GLU A 248 -3.20 -7.11 6.94
C GLU A 248 -4.48 -6.27 6.82
N GLN A 249 -5.31 -6.59 5.82
CA GLN A 249 -6.45 -5.82 5.47
C GLN A 249 -7.76 -6.28 6.09
N PHE A 250 -7.77 -7.47 6.68
CA PHE A 250 -9.04 -8.14 7.08
C PHE A 250 -9.16 -8.59 8.55
N PRO B 2 -7.16 23.80 11.40
CA PRO B 2 -7.41 25.07 10.72
C PRO B 2 -8.32 24.92 9.50
N LYS B 3 -9.38 25.70 9.45
CA LYS B 3 -10.42 25.48 8.42
C LYS B 3 -9.91 25.73 6.96
N GLY B 4 -8.83 26.50 6.76
CA GLY B 4 -8.31 26.63 5.39
C GLY B 4 -7.60 25.36 4.86
N TRP B 5 -7.52 24.27 5.63
CA TRP B 5 -6.68 23.12 5.19
C TRP B 5 -7.42 22.09 4.35
N VAL B 6 -6.68 21.49 3.40
CA VAL B 6 -7.14 20.21 2.82
C VAL B 6 -7.32 19.21 3.92
N THR B 7 -8.36 18.38 3.85
CA THR B 7 -8.67 17.37 4.81
C THR B 7 -8.71 16.06 4.14
N PHE B 8 -8.76 15.01 4.94
CA PHE B 8 -8.45 13.62 4.48
C PHE B 8 -9.54 12.63 4.89
N GLU B 9 -10.77 13.13 5.01
CA GLU B 9 -11.87 12.21 5.42
C GLU B 9 -12.12 11.29 4.21
N ASP C 2 -11.25 -27.39 -13.50
CA ASP C 2 -11.96 -26.33 -12.70
C ASP C 2 -12.10 -26.69 -11.26
N GLY C 3 -10.99 -26.92 -10.59
CA GLY C 3 -11.09 -26.82 -9.16
C GLY C 3 -9.85 -26.51 -8.40
N PHE C 4 -10.08 -25.94 -7.22
CA PHE C 4 -9.02 -25.83 -6.24
C PHE C 4 -8.82 -27.24 -5.69
N LYS C 5 -7.59 -27.60 -5.35
CA LYS C 5 -7.31 -28.96 -4.91
C LYS C 5 -7.76 -29.13 -3.48
N ASP C 6 -7.66 -28.09 -2.65
CA ASP C 6 -8.02 -28.22 -1.23
C ASP C 6 -8.81 -26.99 -0.77
N SER C 7 -9.12 -26.93 0.52
CA SER C 7 -9.96 -25.88 1.07
C SER C 7 -9.64 -25.67 2.53
N PHE C 8 -9.62 -24.42 2.97
CA PHE C 8 -9.42 -24.05 4.39
C PHE C 8 -10.54 -24.63 5.29
N ASP C 9 -11.80 -24.50 4.84
CA ASP C 9 -12.96 -24.86 5.64
C ASP C 9 -13.99 -25.67 4.83
C1 BEN D . -15.12 -2.65 13.50
C2 BEN D . -16.20 -1.85 13.01
C3 BEN D . -17.33 -1.65 13.83
C4 BEN D . -17.44 -2.26 15.08
C5 BEN D . -16.40 -3.08 15.56
C6 BEN D . -15.25 -3.28 14.74
C BEN D . -13.87 -2.87 12.61
N1 BEN D . -12.71 -3.36 12.98
N2 BEN D . -13.99 -2.37 11.40
C CO3 E . -3.12 -27.00 -8.73
O1 CO3 E . -2.38 -27.21 -7.73
O2 CO3 E . -4.38 -27.00 -8.65
O3 CO3 E . -2.51 -26.57 -9.73
C CO3 F . -5.01 3.59 -19.70
O1 CO3 F . -5.19 3.49 -18.41
O2 CO3 F . -5.93 3.83 -20.56
O3 CO3 F . -3.84 3.48 -20.21
C CO3 G . 2.94 14.63 20.50
O1 CO3 G . 3.85 13.70 20.33
O2 CO3 G . 1.91 14.35 21.24
O3 CO3 G . 3.08 15.81 19.94
S1 DTD H . -0.57 8.70 -12.59
C1 DTD H . -2.24 9.05 -12.13
C2 DTD H . -2.82 10.35 -12.62
O2 DTD H . -4.24 10.30 -12.40
C3 DTD H . -2.64 10.60 -14.10
O3 DTD H . -3.44 11.74 -14.44
C4 DTD H . -1.19 10.85 -14.51
S4 DTD H . -0.02 10.40 -13.17
S SO4 I . 3.33 0.58 14.86
O1 SO4 I . 4.53 0.91 14.06
O2 SO4 I . 3.34 -0.90 14.91
O3 SO4 I . 3.43 1.20 16.20
O4 SO4 I . 2.08 0.98 14.22
#